data_6JN1
#
_entry.id   6JN1
#
_cell.length_a   114.256
_cell.length_b   114.256
_cell.length_c   55.880
_cell.angle_alpha   90.000
_cell.angle_beta   90.000
_cell.angle_gamma   120.000
#
_symmetry.space_group_name_H-M   'P 61'
#
loop_
_entity.id
_entity.type
_entity.pdbx_description
1 polymer 'Peptidase M23'
2 polymer C0O-DAL-DAL
3 non-polymer 'ZINC ION'
4 water water
#
loop_
_entity_poly.entity_id
_entity_poly.type
_entity_poly.pdbx_seq_one_letter_code
_entity_poly.pdbx_strand_id
1 'polypeptide(L)'
;MELIKGQALFLELDKKDFLSLKNNDKNIPTFAHPKNQEKILAIFSLPYKNPPQNTKLIAFYKDKKEEIFIKTLEGNYKSE
KLQVENKKIFPPKTIQERIAKELKEANAIYSSYTPKALFNGAFNIPLNSFITSDFGKARTFNEKVASYHSGTDFRAATGT
PIYAANSGVVKIAKDRYFAGNSVVIDHGFGIYSQYYHLSKIDVKVGQKIKKGELIGLSGASGRVSGPALHFGILAGGKQV
DPLDFVSKFNAIFQ
;
A
2 'polypeptide(D)' (C0O)(DAL)(DAL) B
#
# COMPACT_ATOMS: atom_id res chain seq x y z
N MET A 1 4.07 19.76 -4.75
CA MET A 1 4.74 19.48 -3.49
C MET A 1 3.79 19.80 -2.34
N GLU A 2 2.53 19.45 -2.62
CA GLU A 2 1.53 19.12 -1.64
C GLU A 2 1.11 17.68 -1.89
N LEU A 3 0.81 16.97 -0.81
CA LEU A 3 0.40 15.57 -0.92
C LEU A 3 -0.67 15.30 0.12
N ILE A 4 -1.77 14.69 -0.33
CA ILE A 4 -2.86 14.31 0.55
C ILE A 4 -2.42 13.13 1.41
N LYS A 5 -2.81 13.15 2.68
CA LYS A 5 -2.47 12.04 3.56
C LYS A 5 -2.99 10.73 3.00
N GLY A 6 -2.21 9.66 3.19
CA GLY A 6 -2.58 8.36 2.67
C GLY A 6 -2.39 8.20 1.18
N GLN A 7 -1.63 9.07 0.54
CA GLN A 7 -1.33 8.96 -0.88
C GLN A 7 0.18 8.88 -1.06
N ALA A 8 0.56 8.35 -2.22
CA ALA A 8 1.96 8.30 -2.60
C ALA A 8 2.20 9.33 -3.68
N LEU A 9 3.46 9.77 -3.77
CA LEU A 9 3.88 10.53 -4.93
C LEU A 9 5.26 10.04 -5.37
N PHE A 10 5.51 10.17 -6.66
CA PHE A 10 6.79 9.83 -7.27
C PHE A 10 7.59 11.12 -7.42
N LEU A 11 8.65 11.26 -6.63
CA LEU A 11 9.58 12.37 -6.82
C LEU A 11 10.57 12.03 -7.94
N GLU A 12 10.77 12.98 -8.85
CA GLU A 12 11.77 12.86 -9.90
C GLU A 12 12.99 13.66 -9.50
N LEU A 13 14.17 13.10 -9.76
CA LEU A 13 15.42 13.72 -9.38
C LEU A 13 16.45 13.44 -10.45
N ASP A 14 17.40 14.37 -10.57
CA ASP A 14 18.54 14.17 -11.47
C ASP A 14 19.38 12.97 -11.01
N LYS A 15 19.73 12.11 -11.97
CA LYS A 15 20.52 10.93 -11.66
C LYS A 15 21.98 11.27 -11.39
N LYS A 16 22.57 12.17 -12.19
CA LYS A 16 24.00 12.42 -12.16
C LYS A 16 24.45 12.95 -10.81
N ASP A 17 25.45 12.28 -10.23
CA ASP A 17 26.07 12.69 -8.96
C ASP A 17 25.10 12.63 -7.78
N PHE A 18 23.92 12.03 -7.95
CA PHE A 18 23.05 11.78 -6.81
C PHE A 18 23.72 10.80 -5.86
N LEU A 19 23.73 11.12 -4.58
CA LEU A 19 24.29 10.19 -3.61
C LEU A 19 23.25 9.58 -2.68
N SER A 20 22.29 10.36 -2.18
CA SER A 20 21.29 9.77 -1.30
C SER A 20 20.16 10.76 -1.09
N LEU A 21 19.01 10.21 -0.67
CA LEU A 21 17.80 10.97 -0.41
C LEU A 21 17.36 10.66 1.01
N LYS A 22 17.19 11.69 1.84
CA LYS A 22 17.01 11.46 3.27
C LYS A 22 15.82 12.22 3.82
N ASN A 23 15.26 11.66 4.90
CA ASN A 23 14.19 12.27 5.68
C ASN A 23 14.54 12.03 7.15
N ASN A 24 15.30 12.95 7.74
CA ASN A 24 15.73 12.81 9.14
C ASN A 24 16.43 11.49 9.36
N ASP A 25 17.45 11.23 8.54
CA ASP A 25 18.29 10.04 8.61
C ASP A 25 17.55 8.75 8.27
N LYS A 26 16.33 8.83 7.75
CA LYS A 26 15.75 7.71 7.01
C LYS A 26 16.16 7.85 5.55
N ASN A 27 16.90 6.87 5.05
CA ASN A 27 17.26 6.84 3.64
C ASN A 27 16.06 6.36 2.81
N ILE A 28 15.70 7.13 1.81
CA ILE A 28 14.64 6.75 0.88
C ILE A 28 15.28 6.15 -0.36
N PRO A 29 14.91 4.92 -0.76
CA PRO A 29 15.54 4.31 -1.93
C PRO A 29 15.09 4.99 -3.22
N THR A 30 15.94 4.82 -4.24
CA THR A 30 15.69 5.39 -5.55
C THR A 30 15.77 4.29 -6.59
N PHE A 31 15.08 4.49 -7.71
CA PHE A 31 15.10 3.60 -8.86
C PHE A 31 15.05 4.43 -10.14
N ALA A 32 15.37 3.78 -11.25
CA ALA A 32 15.54 4.49 -12.51
C ALA A 32 14.21 5.03 -13.03
N HIS A 33 14.26 6.24 -13.56
CA HIS A 33 13.14 6.70 -14.35
C HIS A 33 13.09 5.86 -15.61
N PRO A 34 11.93 5.28 -15.94
CA PRO A 34 11.88 4.35 -17.09
C PRO A 34 11.94 5.03 -18.45
N LYS A 35 11.60 6.32 -18.53
CA LYS A 35 11.57 6.97 -19.83
C LYS A 35 12.54 8.15 -19.96
N ASN A 36 13.12 8.63 -18.87
CA ASN A 36 14.17 9.66 -18.93
C ASN A 36 15.41 9.13 -18.25
N GLN A 37 16.44 8.82 -19.03
CA GLN A 37 17.61 8.17 -18.43
C GLN A 37 18.51 9.15 -17.70
N GLU A 38 18.14 10.42 -17.60
CA GLU A 38 18.87 11.36 -16.76
C GLU A 38 18.19 11.59 -15.43
N LYS A 39 17.08 10.89 -15.16
CA LYS A 39 16.35 11.06 -13.92
C LYS A 39 16.29 9.74 -13.17
N ILE A 40 16.03 9.85 -11.86
CA ILE A 40 15.68 8.71 -11.02
C ILE A 40 14.38 9.06 -10.30
N LEU A 41 13.80 8.04 -9.68
CA LEU A 41 12.52 8.19 -8.99
C LEU A 41 12.62 7.67 -7.57
N ALA A 42 11.73 8.18 -6.73
CA ALA A 42 11.55 7.73 -5.35
C ALA A 42 10.08 7.86 -5.03
N ILE A 43 9.57 6.94 -4.23
CA ILE A 43 8.19 6.99 -3.81
C ILE A 43 8.15 7.57 -2.41
N PHE A 44 7.38 8.64 -2.25
CA PHE A 44 7.17 9.23 -0.94
C PHE A 44 5.71 9.10 -0.59
N SER A 45 5.43 8.67 0.63
CA SER A 45 4.07 8.40 1.07
C SER A 45 3.81 9.05 2.41
N LEU A 46 2.63 9.59 2.56
CA LEU A 46 2.33 10.05 3.90
C LEU A 46 1.37 9.09 4.57
N PRO A 47 1.50 8.78 5.85
CA PRO A 47 0.51 7.91 6.49
C PRO A 47 -0.85 8.62 6.54
N TYR A 48 -1.92 7.81 6.48
CA TYR A 48 -3.26 8.35 6.67
C TYR A 48 -3.42 8.92 8.07
N LYS A 49 -3.13 8.11 9.09
CA LYS A 49 -3.30 8.51 10.47
C LYS A 49 -2.08 9.30 10.94
N ASN A 50 -2.34 10.45 11.53
CA ASN A 50 -1.35 11.18 12.31
C ASN A 50 -0.10 11.52 11.49
N PRO A 51 -0.23 12.16 10.34
CA PRO A 51 0.96 12.47 9.54
C PRO A 51 1.58 13.78 9.99
N PRO A 52 2.84 14.02 9.63
CA PRO A 52 3.41 15.35 9.84
C PRO A 52 2.59 16.39 9.09
N GLN A 53 2.62 17.61 9.60
CA GLN A 53 1.98 18.71 8.90
C GLN A 53 2.79 19.11 7.68
N ASN A 54 4.11 18.96 7.74
CA ASN A 54 5.00 19.28 6.64
C ASN A 54 6.17 18.32 6.66
N THR A 55 6.74 18.07 5.48
CA THR A 55 7.88 17.19 5.36
C THR A 55 8.97 17.89 4.56
N LYS A 56 10.21 17.78 5.03
CA LYS A 56 11.36 18.28 4.29
C LYS A 56 12.29 17.11 4.02
N LEU A 57 12.63 16.90 2.76
CA LEU A 57 13.58 15.90 2.33
C LEU A 57 14.83 16.58 1.80
N ILE A 58 15.97 15.89 1.93
CA ILE A 58 17.22 16.36 1.33
C ILE A 58 17.74 15.31 0.38
N ALA A 59 17.93 15.69 -0.87
CA ALA A 59 18.67 14.91 -1.84
C ALA A 59 20.12 15.40 -1.87
N PHE A 60 21.03 14.54 -1.44
CA PHE A 60 22.45 14.89 -1.39
C PHE A 60 23.14 14.49 -2.68
N TYR A 61 23.72 15.47 -3.36
CA TYR A 61 24.55 15.23 -4.53
C TYR A 61 26.02 15.39 -4.14
N LYS A 62 26.90 15.01 -5.07
CA LYS A 62 28.34 15.13 -4.82
C LYS A 62 28.73 16.56 -4.51
N ASP A 63 28.15 17.50 -5.27
CA ASP A 63 28.50 18.93 -5.11
C ASP A 63 27.32 19.74 -4.54
N LYS A 64 26.18 19.12 -4.23
CA LYS A 64 25.12 19.96 -3.69
C LYS A 64 24.11 19.15 -2.89
N LYS A 65 23.50 19.83 -1.91
CA LYS A 65 22.30 19.44 -1.21
C LYS A 65 21.10 20.11 -1.88
N GLU A 66 19.98 19.40 -1.93
CA GLU A 66 18.75 19.94 -2.54
C GLU A 66 17.58 19.63 -1.61
N GLU A 67 16.99 20.68 -1.04
CA GLU A 67 15.88 20.53 -0.11
C GLU A 67 14.58 20.38 -0.89
N ILE A 68 13.63 19.65 -0.29
CA ILE A 68 12.34 19.37 -0.93
C ILE A 68 11.25 19.40 0.14
N PHE A 69 10.31 20.31 0.00
CA PHE A 69 9.29 20.49 1.00
C PHE A 69 7.97 19.98 0.45
N ILE A 70 7.23 19.26 1.29
CA ILE A 70 5.93 18.72 0.92
C ILE A 70 4.96 19.05 2.04
N LYS A 71 3.90 19.79 1.72
CA LYS A 71 2.83 20.01 2.69
C LYS A 71 1.85 18.85 2.65
N THR A 72 1.43 18.42 3.82
CA THR A 72 0.37 17.43 3.96
C THR A 72 -0.99 18.07 3.73
N LEU A 73 -1.71 17.60 2.72
CA LEU A 73 -3.10 18.03 2.54
C LEU A 73 -4.05 17.04 3.19
N GLU A 74 -5.19 17.54 3.66
CA GLU A 74 -6.15 16.70 4.34
C GLU A 74 -6.96 15.85 3.37
N GLY A 75 -7.10 16.28 2.13
CA GLY A 75 -7.96 15.58 1.19
C GLY A 75 -9.43 15.71 1.55
N ASN A 76 -10.26 15.00 0.80
CA ASN A 76 -11.70 14.99 1.02
C ASN A 76 -12.13 13.54 1.16
N TYR A 77 -11.83 12.97 2.31
CA TYR A 77 -12.16 11.59 2.62
C TYR A 77 -13.48 11.56 3.38
N LYS A 78 -14.31 10.57 3.07
CA LYS A 78 -15.51 10.34 3.87
C LYS A 78 -15.10 9.98 5.30
N SER A 79 -15.58 10.76 6.27
CA SER A 79 -15.34 10.46 7.67
C SER A 79 -16.64 10.64 8.43
N GLU A 80 -16.73 9.99 9.59
CA GLU A 80 -17.83 10.19 10.52
C GLU A 80 -17.32 10.07 11.94
N LYS A 81 -18.00 10.78 12.84
CA LYS A 81 -17.57 10.86 14.24
C LYS A 81 -18.03 9.61 14.99
N LEU A 82 -17.08 8.77 15.39
CA LEU A 82 -17.43 7.72 16.34
C LEU A 82 -18.09 8.35 17.56
N GLN A 83 -19.03 7.62 18.16
CA GLN A 83 -19.70 8.13 19.34
C GLN A 83 -19.27 7.44 20.62
N VAL A 84 -18.79 6.20 20.52
CA VAL A 84 -18.38 5.44 21.71
C VAL A 84 -16.97 5.86 22.10
N GLU A 85 -15.99 5.42 21.31
CA GLU A 85 -14.56 5.49 21.64
C GLU A 85 -14.28 4.86 23.01
N ASN A 86 -14.64 3.57 23.11
CA ASN A 86 -13.96 2.71 24.06
C ASN A 86 -12.53 2.47 23.63
N LYS A 87 -12.29 2.52 22.30
CA LYS A 87 -10.98 2.66 21.69
C LYS A 87 -10.06 1.50 22.01
N LYS A 88 -10.12 0.99 23.24
CA LYS A 88 -9.36 -0.19 23.63
C LYS A 88 -10.26 -1.41 23.58
N ILE A 89 -9.96 -2.29 22.65
CA ILE A 89 -10.55 -3.61 22.57
C ILE A 89 -9.87 -4.53 23.57
N PHE A 90 -10.56 -5.58 24.02
CA PHE A 90 -10.00 -6.51 24.99
C PHE A 90 -10.11 -7.94 24.48
N PRO A 91 -9.33 -8.32 23.47
CA PRO A 91 -9.48 -9.67 22.88
C PRO A 91 -8.84 -10.72 23.77
N PRO A 92 -9.22 -11.99 23.59
CA PRO A 92 -8.54 -13.08 24.30
C PRO A 92 -7.04 -13.11 23.99
N LYS A 93 -6.28 -13.69 24.92
CA LYS A 93 -4.84 -13.78 24.77
C LYS A 93 -4.48 -14.52 23.49
N THR A 94 -5.21 -15.60 23.19
CA THR A 94 -4.93 -16.40 22.00
C THR A 94 -5.01 -15.54 20.73
N ILE A 95 -5.97 -14.61 20.66
CA ILE A 95 -6.13 -13.74 19.51
C ILE A 95 -5.10 -12.62 19.52
N GLN A 96 -4.83 -12.04 20.70
CA GLN A 96 -3.78 -11.02 20.80
C GLN A 96 -2.46 -11.56 20.27
N GLU A 97 -2.15 -12.81 20.60
CA GLU A 97 -0.87 -13.40 20.20
C GLU A 97 -0.82 -13.60 18.70
N ARG A 98 -1.88 -14.13 18.11
CA ARG A 98 -1.88 -14.38 16.67
C ARG A 98 -1.77 -13.06 15.90
N ILE A 99 -2.57 -12.06 16.30
CA ILE A 99 -2.43 -10.71 15.77
C ILE A 99 -0.98 -10.24 15.89
N ALA A 100 -0.42 -10.31 17.11
CA ALA A 100 0.95 -9.83 17.30
C ALA A 100 1.90 -10.52 16.35
N LYS A 101 1.84 -11.85 16.32
CA LYS A 101 2.68 -12.63 15.42
C LYS A 101 2.49 -12.21 13.97
N GLU A 102 1.23 -12.09 13.51
CA GLU A 102 1.01 -11.77 12.11
C GLU A 102 1.47 -10.35 11.80
N LEU A 103 1.36 -9.45 12.77
CA LEU A 103 1.84 -8.09 12.59
C LEU A 103 3.36 -8.04 12.44
N LYS A 104 4.08 -8.86 13.19
CA LYS A 104 5.53 -8.89 13.05
C LYS A 104 5.91 -9.44 11.68
N GLU A 105 5.24 -10.49 11.22
CA GLU A 105 5.53 -11.00 9.89
C GLU A 105 5.34 -9.92 8.85
N ALA A 106 4.16 -9.30 8.83
CA ALA A 106 3.83 -8.35 7.79
C ALA A 106 4.79 -7.17 7.81
N ASN A 107 5.17 -6.71 9.00
CA ASN A 107 6.06 -5.56 9.08
C ASN A 107 7.44 -5.90 8.54
N ALA A 108 7.88 -7.14 8.71
CA ALA A 108 9.17 -7.56 8.16
C ALA A 108 9.15 -7.54 6.64
N ILE A 109 8.02 -7.96 6.05
CA ILE A 109 7.88 -7.96 4.61
C ILE A 109 7.77 -6.54 4.07
N TYR A 110 6.85 -5.75 4.63
CA TYR A 110 6.63 -4.41 4.09
C TYR A 110 7.83 -3.49 4.30
N SER A 111 8.73 -3.83 5.22
CA SER A 111 9.87 -2.97 5.48
C SER A 111 11.02 -3.27 4.54
N SER A 112 11.06 -4.50 4.02
CA SER A 112 12.09 -4.92 3.09
C SER A 112 11.90 -4.27 1.72
N TYR A 113 12.99 -4.16 0.99
CA TYR A 113 13.01 -3.39 -0.24
C TYR A 113 13.76 -4.21 -1.28
N THR A 114 13.02 -4.69 -2.28
CA THR A 114 13.64 -5.41 -3.38
C THR A 114 14.10 -4.38 -4.40
N PRO A 115 15.40 -4.21 -4.61
CA PRO A 115 15.86 -3.09 -5.42
C PRO A 115 15.84 -3.39 -6.92
N LYS A 116 14.83 -4.13 -7.39
CA LYS A 116 14.62 -4.22 -8.83
C LYS A 116 13.13 -4.34 -9.10
N ALA A 117 12.76 -4.10 -10.35
CA ALA A 117 11.37 -4.16 -10.77
C ALA A 117 10.94 -5.62 -10.93
N LEU A 118 9.93 -6.04 -10.18
CA LEU A 118 9.34 -7.36 -10.40
C LEU A 118 8.05 -7.30 -11.21
N PHE A 119 7.54 -6.09 -11.45
CA PHE A 119 6.33 -5.87 -12.22
C PHE A 119 6.65 -5.88 -13.71
N ASN A 120 5.61 -5.60 -14.50
CA ASN A 120 5.68 -5.76 -15.95
C ASN A 120 4.70 -4.74 -16.56
N GLY A 121 5.22 -3.54 -16.82
CA GLY A 121 4.34 -2.47 -17.30
C GLY A 121 3.31 -2.04 -16.26
N ALA A 122 2.19 -1.55 -16.77
CA ALA A 122 1.14 -0.97 -15.93
C ALA A 122 0.50 -2.01 -15.00
N PHE A 123 -0.06 -1.51 -13.89
CA PHE A 123 -0.95 -2.30 -13.03
C PHE A 123 -2.33 -2.43 -13.67
N ASN A 124 -2.93 -3.59 -13.53
CA ASN A 124 -4.33 -3.77 -13.87
C ASN A 124 -5.16 -3.93 -12.60
N ILE A 125 -6.44 -3.58 -12.69
CA ILE A 125 -7.27 -3.83 -11.52
C ILE A 125 -7.45 -5.35 -11.38
N PRO A 126 -7.46 -5.88 -10.14
CA PRO A 126 -7.50 -7.33 -9.95
C PRO A 126 -8.83 -7.96 -10.31
N LEU A 127 -9.81 -7.16 -10.70
CA LEU A 127 -11.16 -7.66 -10.93
C LEU A 127 -11.93 -6.57 -11.65
N ASN A 128 -12.73 -6.94 -12.64
CA ASN A 128 -13.42 -5.98 -13.49
C ASN A 128 -14.81 -5.61 -12.99
N SER A 129 -14.94 -5.34 -11.69
CA SER A 129 -16.19 -4.82 -11.19
C SER A 129 -15.97 -3.40 -10.69
N PHE A 130 -16.56 -3.05 -9.55
CA PHE A 130 -16.67 -1.64 -9.18
C PHE A 130 -16.48 -1.49 -7.69
N ILE A 131 -16.20 -0.26 -7.26
CA ILE A 131 -15.85 0.02 -5.87
C ILE A 131 -17.13 0.19 -5.06
N THR A 132 -17.26 -0.61 -4.00
CA THR A 132 -18.38 -0.51 -3.08
C THR A 132 -18.02 0.20 -1.80
N SER A 133 -16.74 0.27 -1.47
CA SER A 133 -16.28 0.99 -0.29
C SER A 133 -14.89 1.56 -0.58
N ASP A 134 -14.77 2.90 -0.47
CA ASP A 134 -13.60 3.63 -0.92
C ASP A 134 -12.48 3.55 0.10
N PHE A 135 -11.26 3.67 -0.42
CA PHE A 135 -10.11 3.93 0.44
C PHE A 135 -10.30 5.21 1.25
N GLY A 136 -9.85 5.19 2.49
CA GLY A 136 -9.84 6.40 3.27
C GLY A 136 -11.11 6.73 4.00
N LYS A 137 -12.18 5.95 3.84
CA LYS A 137 -13.34 6.06 4.72
C LYS A 137 -12.87 6.00 6.16
N ALA A 138 -13.08 7.09 6.91
CA ALA A 138 -12.48 7.24 8.22
C ALA A 138 -13.54 7.27 9.33
N ARG A 139 -13.11 6.87 10.52
CA ARG A 139 -13.91 7.02 11.72
C ARG A 139 -13.08 7.80 12.73
N THR A 140 -13.58 8.96 13.13
CA THR A 140 -12.82 9.91 13.94
C THR A 140 -13.44 10.07 15.32
N PHE A 141 -12.61 10.01 16.36
CA PHE A 141 -12.97 10.54 17.66
C PHE A 141 -12.00 11.69 17.91
N ASN A 142 -12.53 12.89 17.72
CA ASN A 142 -11.72 14.08 17.55
C ASN A 142 -10.84 14.36 18.77
N GLU A 143 -9.66 14.93 18.50
CA GLU A 143 -9.36 15.48 17.18
C GLU A 143 -8.30 14.73 16.37
N LYS A 144 -8.62 13.51 15.94
CA LYS A 144 -7.82 12.83 14.93
C LYS A 144 -8.63 11.65 14.38
N VAL A 145 -7.95 10.56 13.98
CA VAL A 145 -8.52 9.49 13.19
C VAL A 145 -8.39 8.20 13.97
N ALA A 146 -9.53 7.58 14.29
CA ALA A 146 -9.50 6.37 15.11
C ALA A 146 -9.17 5.14 14.27
N SER A 147 -9.86 4.98 13.13
CA SER A 147 -9.55 3.90 12.21
C SER A 147 -9.90 4.37 10.81
N TYR A 148 -9.42 3.63 9.82
CA TYR A 148 -9.72 4.00 8.46
C TYR A 148 -9.62 2.78 7.56
N HIS A 149 -10.32 2.87 6.45
CA HIS A 149 -10.28 1.84 5.42
C HIS A 149 -8.97 1.97 4.64
N SER A 150 -8.04 1.05 4.86
CA SER A 150 -6.69 1.09 4.31
C SER A 150 -6.58 0.47 2.92
N GLY A 151 -7.70 0.07 2.32
CA GLY A 151 -7.74 -0.38 0.95
C GLY A 151 -9.05 0.03 0.32
N THR A 152 -9.35 -0.50 -0.86
CA THR A 152 -10.63 -0.26 -1.50
C THR A 152 -11.29 -1.60 -1.78
N ASP A 153 -12.63 -1.64 -1.64
CA ASP A 153 -13.41 -2.86 -1.84
C ASP A 153 -14.08 -2.86 -3.21
N PHE A 154 -13.91 -3.96 -3.94
CA PHE A 154 -14.61 -4.23 -5.19
C PHE A 154 -15.81 -5.12 -4.91
N ARG A 155 -16.91 -4.89 -5.64
CA ARG A 155 -18.03 -5.83 -5.57
C ARG A 155 -17.55 -7.18 -6.07
N ALA A 156 -17.88 -8.23 -5.31
CA ALA A 156 -17.51 -9.57 -5.72
C ALA A 156 -18.41 -10.53 -4.97
N ALA A 157 -19.19 -11.30 -5.71
CA ALA A 157 -19.84 -12.44 -5.12
C ALA A 157 -18.76 -13.42 -4.65
N THR A 158 -19.10 -14.23 -3.65
CA THR A 158 -18.18 -15.24 -3.17
C THR A 158 -17.78 -16.15 -4.32
N GLY A 159 -16.48 -16.41 -4.45
CA GLY A 159 -16.00 -17.24 -5.53
C GLY A 159 -15.63 -16.50 -6.79
N THR A 160 -15.55 -15.16 -6.77
CA THR A 160 -15.16 -14.46 -7.99
C THR A 160 -13.65 -14.59 -8.21
N PRO A 161 -13.22 -14.97 -9.40
CA PRO A 161 -11.78 -15.06 -9.66
C PRO A 161 -11.08 -13.70 -9.51
N ILE A 162 -9.94 -13.71 -8.82
CA ILE A 162 -9.13 -12.53 -8.54
C ILE A 162 -7.79 -12.71 -9.25
N TYR A 163 -7.34 -11.68 -9.95
CA TYR A 163 -6.11 -11.77 -10.73
C TYR A 163 -5.09 -10.76 -10.24
N ALA A 164 -3.81 -11.14 -10.31
CA ALA A 164 -2.73 -10.30 -9.81
C ALA A 164 -2.67 -8.97 -10.57
N ALA A 165 -2.65 -7.87 -9.80
CA ALA A 165 -2.61 -6.53 -10.43
C ALA A 165 -1.34 -6.31 -11.24
N ASN A 166 -0.26 -7.01 -10.91
CA ASN A 166 1.00 -6.90 -11.62
C ASN A 166 1.86 -8.09 -11.25
N SER A 167 2.91 -8.30 -12.04
CA SER A 167 3.85 -9.38 -11.80
C SER A 167 4.59 -9.14 -10.48
N GLY A 168 4.94 -10.24 -9.82
CA GLY A 168 5.78 -10.13 -8.65
C GLY A 168 6.02 -11.47 -7.99
N VAL A 169 6.42 -11.42 -6.73
CA VAL A 169 6.68 -12.59 -5.92
C VAL A 169 5.68 -12.60 -4.76
N VAL A 170 5.01 -13.73 -4.57
CA VAL A 170 4.10 -13.87 -3.44
C VAL A 170 4.89 -13.89 -2.14
N LYS A 171 4.50 -13.03 -1.19
CA LYS A 171 5.11 -13.05 0.12
C LYS A 171 4.18 -13.54 1.23
N ILE A 172 2.87 -13.45 1.06
CA ILE A 172 1.91 -13.91 2.05
C ILE A 172 0.78 -14.60 1.29
N ALA A 173 0.40 -15.77 1.77
CA ALA A 173 -0.57 -16.62 1.10
C ALA A 173 -1.22 -17.50 2.16
N LYS A 174 -1.93 -16.88 3.10
CA LYS A 174 -2.49 -17.65 4.21
C LYS A 174 -3.62 -16.87 4.86
N ASP A 175 -4.24 -17.51 5.83
CA ASP A 175 -5.33 -16.96 6.60
C ASP A 175 -4.79 -16.15 7.76
N ARG A 176 -5.16 -14.88 7.84
CA ARG A 176 -4.73 -14.01 8.92
C ARG A 176 -5.94 -13.40 9.58
N TYR A 177 -5.75 -12.89 10.80
CA TYR A 177 -6.89 -12.47 11.61
C TYR A 177 -7.70 -11.37 10.93
N PHE A 178 -7.12 -10.20 10.71
CA PHE A 178 -8.04 -9.20 10.16
C PHE A 178 -8.29 -9.37 8.67
N ALA A 179 -7.28 -9.80 7.90
CA ALA A 179 -7.41 -9.83 6.45
C ALA A 179 -8.12 -11.07 5.92
N GLY A 180 -8.46 -12.02 6.78
CA GLY A 180 -8.97 -13.25 6.24
C GLY A 180 -7.89 -13.94 5.44
N ASN A 181 -8.33 -14.80 4.52
CA ASN A 181 -7.42 -15.37 3.54
C ASN A 181 -6.78 -14.26 2.70
N SER A 182 -5.45 -14.19 2.75
CA SER A 182 -4.69 -13.06 2.26
C SER A 182 -3.65 -13.48 1.24
N VAL A 183 -3.52 -12.69 0.18
CA VAL A 183 -2.37 -12.73 -0.70
C VAL A 183 -1.71 -11.35 -0.69
N VAL A 184 -0.39 -11.33 -0.52
CA VAL A 184 0.42 -10.12 -0.61
C VAL A 184 1.53 -10.37 -1.63
N ILE A 185 1.70 -9.45 -2.59
CA ILE A 185 2.67 -9.60 -3.66
C ILE A 185 3.68 -8.46 -3.60
N ASP A 186 4.97 -8.81 -3.62
CA ASP A 186 6.06 -7.85 -3.80
C ASP A 186 6.25 -7.58 -5.29
N HIS A 187 6.09 -6.32 -5.69
CA HIS A 187 6.35 -5.92 -7.08
C HIS A 187 7.73 -5.28 -7.24
N GLY A 188 8.45 -5.12 -6.17
CA GLY A 188 9.74 -4.47 -6.23
C GLY A 188 9.64 -3.05 -5.76
N PHE A 189 10.81 -2.48 -5.43
CA PHE A 189 10.92 -1.09 -5.02
C PHE A 189 9.98 -0.77 -3.85
N GLY A 190 9.71 -1.76 -3.01
CA GLY A 190 8.87 -1.55 -1.84
C GLY A 190 7.40 -1.43 -2.11
N ILE A 191 6.94 -1.82 -3.31
CA ILE A 191 5.52 -1.78 -3.66
C ILE A 191 4.92 -3.17 -3.47
N TYR A 192 3.86 -3.25 -2.67
CA TYR A 192 3.17 -4.51 -2.38
C TYR A 192 1.69 -4.33 -2.65
N SER A 193 1.07 -5.32 -3.28
CA SER A 193 -0.38 -5.32 -3.44
C SER A 193 -0.99 -6.40 -2.54
N GLN A 194 -2.22 -6.15 -2.13
CA GLN A 194 -2.89 -6.91 -1.08
C GLN A 194 -4.27 -7.31 -1.58
N TYR A 195 -4.62 -8.59 -1.42
CA TYR A 195 -5.89 -9.17 -1.87
C TYR A 195 -6.44 -9.93 -0.66
N TYR A 196 -7.44 -9.35 0.01
CA TYR A 196 -7.91 -9.82 1.30
C TYR A 196 -9.33 -10.39 1.19
N HIS A 197 -9.69 -11.20 2.21
CA HIS A 197 -11.02 -11.76 2.40
C HIS A 197 -11.36 -12.87 1.41
N LEU A 198 -10.33 -13.46 0.81
CA LEU A 198 -10.51 -14.48 -0.21
C LEU A 198 -11.25 -15.70 0.34
N SER A 199 -11.97 -16.38 -0.55
CA SER A 199 -12.52 -17.68 -0.19
C SER A 199 -11.57 -18.83 -0.53
N LYS A 200 -10.67 -18.64 -1.48
CA LYS A 200 -9.69 -19.64 -1.88
C LYS A 200 -8.39 -18.94 -2.25
N ILE A 201 -7.27 -19.48 -1.77
CA ILE A 201 -5.93 -19.03 -2.14
C ILE A 201 -5.38 -19.99 -3.18
N ASP A 202 -4.95 -19.48 -4.33
CA ASP A 202 -4.43 -20.32 -5.41
C ASP A 202 -2.93 -20.11 -5.67
N VAL A 203 -2.20 -19.52 -4.72
CA VAL A 203 -0.78 -19.25 -4.88
C VAL A 203 -0.08 -19.68 -3.60
N LYS A 204 1.24 -19.73 -3.66
CA LYS A 204 2.08 -20.18 -2.55
C LYS A 204 3.17 -19.14 -2.31
N VAL A 205 3.58 -18.99 -1.05
CA VAL A 205 4.68 -18.09 -0.74
C VAL A 205 5.90 -18.44 -1.58
N GLY A 206 6.58 -17.41 -2.09
CA GLY A 206 7.76 -17.60 -2.92
C GLY A 206 7.49 -17.75 -4.40
N GLN A 207 6.24 -17.99 -4.78
CA GLN A 207 5.88 -18.19 -6.18
C GLN A 207 6.07 -16.91 -6.98
N LYS A 208 6.69 -17.04 -8.14
CA LYS A 208 6.72 -15.95 -9.11
C LYS A 208 5.38 -15.92 -9.83
N ILE A 209 4.78 -14.73 -9.94
CA ILE A 209 3.43 -14.58 -10.45
C ILE A 209 3.43 -13.52 -11.54
N LYS A 210 2.68 -13.77 -12.61
CA LYS A 210 2.56 -12.85 -13.72
C LYS A 210 1.33 -11.96 -13.54
N LYS A 211 1.39 -10.79 -14.17
CA LYS A 211 0.23 -9.91 -14.22
C LYS A 211 -0.94 -10.62 -14.91
N GLY A 212 -2.12 -10.45 -14.34
CA GLY A 212 -3.30 -11.09 -14.87
C GLY A 212 -3.46 -12.53 -14.45
N GLU A 213 -2.52 -13.07 -13.69
CA GLU A 213 -2.59 -14.46 -13.30
C GLU A 213 -3.51 -14.63 -12.10
N LEU A 214 -4.27 -15.72 -12.13
CA LEU A 214 -5.23 -16.01 -11.08
C LEU A 214 -4.51 -16.22 -9.76
N ILE A 215 -4.99 -15.57 -8.71
CA ILE A 215 -4.40 -15.73 -7.39
C ILE A 215 -5.36 -16.32 -6.37
N GLY A 216 -6.65 -16.37 -6.68
CA GLY A 216 -7.60 -17.00 -5.79
C GLY A 216 -9.02 -16.61 -6.16
N LEU A 217 -9.92 -16.87 -5.23
CA LEU A 217 -11.33 -16.59 -5.41
C LEU A 217 -11.76 -15.69 -4.27
N SER A 218 -12.55 -14.67 -4.62
CA SER A 218 -13.02 -13.76 -3.60
C SER A 218 -13.90 -14.52 -2.62
N GLY A 219 -13.97 -14.01 -1.41
CA GLY A 219 -14.85 -14.59 -0.40
C GLY A 219 -15.29 -13.51 0.53
N ALA A 220 -15.61 -13.93 1.75
CA ALA A 220 -15.93 -13.03 2.85
C ALA A 220 -15.13 -13.40 4.08
N SER A 221 -13.98 -14.05 3.90
CA SER A 221 -13.20 -14.49 5.04
C SER A 221 -12.63 -13.31 5.82
N GLY A 222 -12.69 -13.40 7.15
CA GLY A 222 -12.23 -12.33 8.01
C GLY A 222 -13.00 -11.04 7.89
N ARG A 223 -14.04 -11.00 7.06
CA ARG A 223 -14.81 -9.80 6.74
C ARG A 223 -16.19 -9.92 7.35
N VAL A 224 -16.61 -8.85 8.03
CA VAL A 224 -17.89 -8.93 8.72
C VAL A 224 -19.03 -8.55 7.77
N SER A 225 -18.77 -7.61 6.88
CA SER A 225 -19.81 -6.98 6.08
C SER A 225 -20.20 -7.81 4.86
N GLY A 226 -19.81 -9.07 4.78
CA GLY A 226 -20.19 -9.89 3.66
C GLY A 226 -19.16 -9.91 2.54
N PRO A 227 -19.51 -10.57 1.43
CA PRO A 227 -18.51 -10.81 0.38
C PRO A 227 -18.08 -9.55 -0.34
N ALA A 228 -16.77 -9.44 -0.58
CA ALA A 228 -16.13 -8.35 -1.32
C ALA A 228 -14.65 -8.67 -1.44
N LEU A 229 -13.98 -7.99 -2.38
CA LEU A 229 -12.52 -8.06 -2.51
C LEU A 229 -11.94 -6.78 -1.95
N HIS A 230 -11.11 -6.90 -0.92
CA HIS A 230 -10.33 -5.77 -0.41
C HIS A 230 -9.00 -5.76 -1.13
N PHE A 231 -8.73 -4.68 -1.86
CA PHE A 231 -7.48 -4.51 -2.60
C PHE A 231 -6.67 -3.36 -1.99
N GLY A 232 -5.42 -3.63 -1.62
CA GLY A 232 -4.58 -2.61 -1.04
C GLY A 232 -3.26 -2.47 -1.78
N ILE A 233 -2.67 -1.29 -1.61
CA ILE A 233 -1.30 -1.04 -2.03
C ILE A 233 -0.55 -0.51 -0.82
N LEU A 234 0.60 -1.11 -0.54
CA LEU A 234 1.58 -0.56 0.37
C LEU A 234 2.78 -0.12 -0.47
N ALA A 235 3.21 1.11 -0.29
CA ALA A 235 4.35 1.64 -1.03
C ALA A 235 5.01 2.69 -0.16
N GLY A 236 6.34 2.72 -0.17
CA GLY A 236 7.04 3.68 0.66
C GLY A 236 6.79 3.46 2.14
N GLY A 237 6.54 2.20 2.53
CA GLY A 237 6.28 1.86 3.91
C GLY A 237 4.88 2.09 4.42
N LYS A 238 3.99 2.69 3.63
CA LYS A 238 2.67 3.07 4.14
C LYS A 238 1.58 2.50 3.23
N GLN A 239 0.43 2.21 3.83
CA GLN A 239 -0.78 2.02 3.04
C GLN A 239 -1.15 3.31 2.34
N VAL A 240 -1.30 3.25 1.01
CA VAL A 240 -1.68 4.41 0.22
C VAL A 240 -2.92 4.06 -0.58
N ASP A 241 -3.65 5.12 -0.99
CA ASP A 241 -4.83 5.07 -1.84
C ASP A 241 -4.53 4.26 -3.10
N PRO A 242 -5.15 3.10 -3.26
CA PRO A 242 -4.66 2.15 -4.27
C PRO A 242 -4.96 2.57 -5.69
N LEU A 243 -6.16 3.10 -5.97
CA LEU A 243 -6.43 3.54 -7.35
C LEU A 243 -5.64 4.80 -7.69
N ASP A 244 -5.44 5.68 -6.71
CA ASP A 244 -4.55 6.83 -6.91
C ASP A 244 -3.14 6.36 -7.27
N PHE A 245 -2.58 5.46 -6.46
CA PHE A 245 -1.23 4.97 -6.72
C PHE A 245 -1.14 4.37 -8.12
N VAL A 246 -2.14 3.59 -8.49
CA VAL A 246 -2.08 2.88 -9.76
C VAL A 246 -2.09 3.87 -10.92
N SER A 247 -2.91 4.93 -10.84
CA SER A 247 -2.93 5.87 -11.95
C SER A 247 -1.63 6.66 -12.03
N LYS A 248 -1.07 7.05 -10.88
CA LYS A 248 0.26 7.67 -10.89
C LYS A 248 1.34 6.72 -11.39
N PHE A 249 1.32 5.46 -10.94
CA PHE A 249 2.33 4.51 -11.36
C PHE A 249 2.23 4.22 -12.85
N ASN A 250 1.01 3.98 -13.34
CA ASN A 250 0.81 3.71 -14.75
C ASN A 250 1.18 4.90 -15.62
N ALA A 251 1.03 6.13 -15.11
CA ALA A 251 1.41 7.28 -15.92
C ALA A 251 2.91 7.30 -16.21
N ILE A 252 3.70 6.59 -15.40
CA ILE A 252 5.14 6.53 -15.57
C ILE A 252 5.58 5.28 -16.31
N PHE A 253 5.03 4.13 -15.94
CA PHE A 253 5.58 2.86 -16.38
C PHE A 253 4.78 2.19 -17.48
N GLN A 254 3.86 2.90 -18.13
CA GLN A 254 3.20 2.35 -19.31
C GLN A 254 4.21 2.01 -20.39
#